data_1JAO
#
_entry.id   1JAO
#
_cell.length_a   33.240
_cell.length_b   69.200
_cell.length_c   72.330
_cell.angle_alpha   90.00
_cell.angle_beta   90.00
_cell.angle_gamma   90.00
#
_symmetry.space_group_name_H-M   'P 21 21 21'
#
loop_
_entity.id
_entity.type
_entity.pdbx_description
1 polymer 'MATRIX METALLO PROTEINASE-8 (MET80 FORM)'
2 non-polymer N-[(2S)-2-benzyl-3-sulfanylpropanoyl]-L-alanylglycinamide
3 non-polymer 'CALCIUM ION'
4 non-polymer 'ZINC ION'
5 water water
#
_entity_poly.entity_id   1
_entity_poly.type   'polypeptide(L)'
_entity_poly.pdbx_seq_one_letter_code
;MLTPGNPKWERTNLTYRIRNYTPQLSEAEVERAIKDAFELWSVASPLIFTRISQGEADINIAFYQRDHGDNSPFDGPNGI
LAHAFQPGQGIGGDAHFDAEETWTNTSANYNLFLVAAHEFGHSLGLAHSSDPGALMYPNYAFRETSNYSLPQDDIDGIQA
IYG
;
_entity_poly.pdbx_strand_id   A
#
loop_
_chem_comp.id
_chem_comp.type
_chem_comp.name
_chem_comp.formula
0D3 peptide-like N-[(2S)-2-benzyl-3-sulfanylpropanoyl]-L-alanylglycinamide 'C15 H21 N3 O3 S'
CA non-polymer 'CALCIUM ION' 'Ca 2'
ZN non-polymer 'ZINC ION' 'Zn 2'
#
# COMPACT_ATOMS: atom_id res chain seq x y z
N ASN A 6 6.75 0.58 -18.42
CA ASN A 6 6.93 -0.24 -17.17
C ASN A 6 7.90 0.48 -16.19
N PRO A 7 7.35 1.24 -15.23
CA PRO A 7 8.27 1.87 -14.32
C PRO A 7 8.48 0.75 -13.32
N LYS A 8 9.72 0.59 -12.89
CA LYS A 8 10.09 -0.44 -11.94
C LYS A 8 11.32 0.00 -11.18
N TRP A 9 11.50 -0.65 -10.03
CA TRP A 9 12.64 -0.43 -9.18
C TRP A 9 13.78 -1.27 -9.74
N GLU A 10 14.96 -0.67 -9.86
CA GLU A 10 16.14 -1.37 -10.33
C GLU A 10 16.84 -1.98 -9.13
N ARG A 11 16.40 -1.63 -7.92
CA ARG A 11 16.99 -2.18 -6.71
C ARG A 11 16.00 -3.20 -6.13
N THR A 12 16.48 -4.17 -5.35
CA THR A 12 15.61 -5.16 -4.77
C THR A 12 15.36 -5.05 -3.29
N ASN A 13 16.24 -4.34 -2.57
CA ASN A 13 16.02 -4.12 -1.13
C ASN A 13 15.56 -2.67 -1.14
N LEU A 14 14.35 -2.46 -0.65
CA LEU A 14 13.76 -1.13 -0.63
C LEU A 14 13.43 -0.83 0.79
N THR A 15 13.60 0.43 1.19
CA THR A 15 13.29 0.80 2.57
C THR A 15 11.96 1.52 2.62
N TYR A 16 11.32 1.52 3.77
CA TYR A 16 10.09 2.25 3.87
C TYR A 16 10.10 2.91 5.24
N ARG A 17 9.30 3.97 5.37
CA ARG A 17 9.17 4.74 6.63
C ARG A 17 7.71 5.15 6.85
N ILE A 18 7.18 4.90 8.05
CA ILE A 18 5.84 5.30 8.37
C ILE A 18 5.99 6.64 9.02
N ARG A 19 5.72 7.70 8.25
CA ARG A 19 5.88 9.07 8.73
C ARG A 19 5.01 9.47 9.89
N ASN A 20 3.74 9.04 9.90
CA ASN A 20 2.80 9.33 10.98
C ASN A 20 1.85 8.17 11.08
N TYR A 21 0.96 8.23 12.07
CA TYR A 21 0.02 7.16 12.38
C TYR A 21 -1.42 7.63 12.40
N THR A 22 -2.35 6.68 12.45
CA THR A 22 -3.77 7.00 12.52
C THR A 22 -4.10 6.67 13.96
N PRO A 23 -4.80 7.57 14.65
CA PRO A 23 -5.18 7.41 16.06
C PRO A 23 -6.20 6.29 16.27
N GLN A 24 -6.84 5.84 15.19
CA GLN A 24 -7.87 4.80 15.28
C GLN A 24 -7.33 3.41 15.65
N LEU A 25 -6.07 3.19 15.26
CA LEU A 25 -5.37 1.95 15.51
C LEU A 25 -4.22 2.35 16.42
N SER A 26 -3.62 1.34 17.06
CA SER A 26 -2.46 1.57 17.91
C SER A 26 -1.31 1.65 16.92
N GLU A 27 -0.12 2.04 17.35
CA GLU A 27 0.98 2.09 16.40
C GLU A 27 1.37 0.67 16.00
N ALA A 28 1.34 -0.25 16.97
CA ALA A 28 1.70 -1.63 16.72
C ALA A 28 0.83 -2.22 15.63
N GLU A 29 -0.47 -1.90 15.66
CA GLU A 29 -1.42 -2.39 14.67
C GLU A 29 -1.19 -1.78 13.32
N VAL A 30 -0.79 -0.52 13.27
CA VAL A 30 -0.48 0.14 12.01
C VAL A 30 0.82 -0.46 11.45
N GLU A 31 1.82 -0.63 12.30
CA GLU A 31 3.09 -1.18 11.88
C GLU A 31 2.97 -2.62 11.43
N ARG A 32 2.04 -3.35 12.02
CA ARG A 32 1.78 -4.73 11.68
C ARG A 32 1.04 -4.84 10.34
N ALA A 33 0.08 -3.93 10.11
CA ALA A 33 -0.69 -3.88 8.89
C ALA A 33 0.22 -3.66 7.70
N ILE A 34 1.12 -2.69 7.87
CA ILE A 34 2.06 -2.32 6.83
C ILE A 34 3.10 -3.41 6.54
N LYS A 35 3.64 -4.01 7.60
CA LYS A 35 4.65 -5.06 7.51
C LYS A 35 4.12 -6.22 6.68
N ASP A 36 2.99 -6.78 7.13
CA ASP A 36 2.32 -7.90 6.45
C ASP A 36 1.93 -7.62 5.01
N ALA A 37 1.62 -6.36 4.69
CA ALA A 37 1.23 -5.96 3.35
C ALA A 37 2.43 -6.02 2.44
N PHE A 38 3.59 -5.68 2.96
CA PHE A 38 4.82 -5.75 2.17
C PHE A 38 5.26 -7.21 1.95
N GLU A 39 4.93 -8.10 2.89
CA GLU A 39 5.28 -9.50 2.81
C GLU A 39 4.46 -10.26 1.80
N LEU A 40 3.30 -9.75 1.39
CA LEU A 40 2.52 -10.47 0.35
C LEU A 40 3.26 -10.34 -0.96
N TRP A 41 3.92 -9.19 -1.16
CA TRP A 41 4.65 -8.96 -2.39
C TRP A 41 6.02 -9.63 -2.42
N SER A 42 6.65 -9.69 -1.26
CA SER A 42 7.96 -10.29 -1.09
C SER A 42 7.94 -11.76 -1.46
N VAL A 43 6.94 -12.48 -0.95
CA VAL A 43 6.83 -13.88 -1.21
C VAL A 43 6.55 -14.24 -2.66
N ALA A 44 6.16 -13.28 -3.49
CA ALA A 44 5.86 -13.54 -4.89
C ALA A 44 6.79 -12.82 -5.80
N SER A 45 7.87 -12.22 -5.26
CA SER A 45 8.82 -11.46 -6.08
C SER A 45 10.18 -11.41 -5.41
N PRO A 46 11.18 -10.81 -6.06
CA PRO A 46 12.50 -10.72 -5.45
C PRO A 46 12.75 -9.56 -4.45
N LEU A 47 11.72 -8.78 -4.16
CA LEU A 47 11.86 -7.60 -3.30
C LEU A 47 11.92 -7.87 -1.82
N ILE A 48 12.81 -7.14 -1.14
CA ILE A 48 12.96 -7.26 0.31
C ILE A 48 12.66 -5.86 0.85
N PHE A 49 11.85 -5.77 1.88
CA PHE A 49 11.47 -4.48 2.43
C PHE A 49 12.03 -4.26 3.82
N THR A 50 12.71 -3.14 3.97
CA THR A 50 13.35 -2.79 5.22
C THR A 50 12.72 -1.55 5.84
N ARG A 51 12.30 -1.63 7.10
CA ARG A 51 11.74 -0.47 7.76
C ARG A 51 12.83 0.44 8.41
N ILE A 52 12.79 1.75 8.17
CA ILE A 52 13.71 2.64 8.84
C ILE A 52 12.88 3.53 9.75
N SER A 53 13.34 3.82 10.96
CA SER A 53 12.54 4.67 11.85
C SER A 53 12.58 6.15 11.48
N GLN A 54 13.49 6.51 10.58
CA GLN A 54 13.68 7.89 10.17
C GLN A 54 14.66 7.94 9.05
N GLY A 55 14.80 9.12 8.46
CA GLY A 55 15.70 9.27 7.34
C GLY A 55 14.86 9.19 6.10
N GLU A 56 15.53 9.27 4.96
CA GLU A 56 14.79 9.18 3.73
C GLU A 56 14.64 7.72 3.35
N ALA A 57 13.40 7.30 3.14
CA ALA A 57 13.07 5.95 2.75
C ALA A 57 12.65 6.01 1.29
N ASP A 58 12.76 4.90 0.57
CA ASP A 58 12.31 4.85 -0.83
C ASP A 58 10.80 5.07 -0.91
N ILE A 59 10.09 4.48 0.07
CA ILE A 59 8.65 4.54 0.16
C ILE A 59 8.19 5.16 1.47
N ASN A 60 7.59 6.34 1.36
CA ASN A 60 7.10 7.05 2.52
C ASN A 60 5.66 6.76 2.66
N ILE A 61 5.24 6.51 3.89
CA ILE A 61 3.88 6.18 4.20
C ILE A 61 3.33 7.22 5.17
N ALA A 62 2.19 7.79 4.82
CA ALA A 62 1.62 8.80 5.68
C ALA A 62 0.12 8.84 5.58
N PHE A 63 -0.49 9.37 6.63
CA PHE A 63 -1.90 9.59 6.70
C PHE A 63 -2.15 11.09 6.55
N TYR A 64 -2.61 11.48 5.38
CA TYR A 64 -2.92 12.89 5.12
C TYR A 64 -4.39 13.15 4.87
N GLN A 65 -4.74 14.43 4.97
CA GLN A 65 -6.10 14.93 4.80
C GLN A 65 -6.17 15.95 3.68
N ARG A 66 -7.29 15.92 2.94
CA ARG A 66 -7.60 16.85 1.83
C ARG A 66 -6.36 17.26 1.06
N ASP A 67 -5.98 18.52 1.15
CA ASP A 67 -4.77 19.01 0.49
C ASP A 67 -3.58 18.61 1.31
N HIS A 68 -2.62 17.96 0.67
CA HIS A 68 -1.46 17.52 1.43
C HIS A 68 -0.24 17.61 0.60
N GLY A 69 -0.20 18.64 -0.22
CA GLY A 69 0.99 18.90 -0.98
C GLY A 69 1.27 18.17 -2.26
N ASP A 70 0.35 17.34 -2.76
CA ASP A 70 0.69 16.65 -3.98
C ASP A 70 -0.17 16.77 -5.22
N ASN A 71 -1.13 17.70 -5.25
CA ASN A 71 -1.99 17.81 -6.44
C ASN A 71 -2.97 16.62 -6.58
N SER A 72 -3.17 15.87 -5.51
CA SER A 72 -4.07 14.74 -5.54
C SER A 72 -4.76 14.74 -4.21
N PRO A 73 -5.51 15.81 -3.95
CA PRO A 73 -6.24 15.97 -2.70
C PRO A 73 -7.17 14.84 -2.39
N PHE A 74 -7.19 14.44 -1.14
CA PHE A 74 -8.08 13.41 -0.74
C PHE A 74 -9.46 14.07 -0.67
N ASP A 75 -10.47 13.31 -0.27
CA ASP A 75 -11.85 13.79 -0.33
C ASP A 75 -12.77 13.51 0.85
N GLY A 76 -12.28 13.51 2.09
CA GLY A 76 -13.19 13.26 3.20
C GLY A 76 -13.55 11.79 3.24
N PRO A 77 -14.41 11.34 4.17
CA PRO A 77 -14.80 9.93 4.29
C PRO A 77 -15.27 9.27 2.96
N ASN A 78 -15.01 7.94 2.89
CA ASN A 78 -15.29 7.06 1.75
C ASN A 78 -14.75 7.64 0.48
N GLY A 79 -15.28 7.21 -0.67
CA GLY A 79 -14.78 7.73 -1.93
C GLY A 79 -13.35 7.24 -2.00
N ILE A 80 -12.41 8.01 -2.57
CA ILE A 80 -11.05 7.52 -2.58
C ILE A 80 -10.49 7.38 -1.15
N LEU A 81 -9.90 6.22 -0.90
CA LEU A 81 -9.31 5.83 0.37
C LEU A 81 -7.81 6.10 0.55
N ALA A 82 -7.07 6.10 -0.55
CA ALA A 82 -5.63 6.29 -0.50
C ALA A 82 -5.15 6.29 -1.89
N HIS A 83 -3.88 6.61 -2.09
CA HIS A 83 -3.22 6.55 -3.40
C HIS A 83 -1.68 6.31 -3.28
N ALA A 84 -1.05 5.85 -4.35
CA ALA A 84 0.36 5.57 -4.30
C ALA A 84 1.01 6.05 -5.58
N PHE A 85 2.31 6.28 -5.59
CA PHE A 85 2.94 6.73 -6.82
C PHE A 85 3.80 5.65 -7.42
N GLN A 86 3.91 5.64 -8.72
CA GLN A 86 4.70 4.65 -9.41
C GLN A 86 6.17 4.67 -9.01
N PRO A 87 6.88 3.54 -9.28
CA PRO A 87 8.32 3.46 -8.95
C PRO A 87 9.10 4.71 -9.40
N GLY A 88 9.94 5.26 -8.51
CA GLY A 88 10.71 6.42 -8.89
C GLY A 88 11.30 7.14 -7.69
N GLN A 89 12.04 8.19 -8.01
CA GLN A 89 12.69 9.03 -7.01
C GLN A 89 11.69 10.05 -6.44
N GLY A 90 12.01 10.60 -5.28
CA GLY A 90 11.12 11.58 -4.68
C GLY A 90 9.83 10.94 -4.25
N ILE A 91 8.73 11.58 -4.63
CA ILE A 91 7.36 11.14 -4.31
C ILE A 91 7.15 9.72 -4.90
N GLY A 92 8.04 9.32 -5.81
CA GLY A 92 7.94 8.01 -6.42
C GLY A 92 7.86 6.91 -5.39
N GLY A 93 6.91 5.99 -5.58
CA GLY A 93 6.75 4.90 -4.66
C GLY A 93 5.97 5.23 -3.42
N ASP A 94 5.86 6.50 -3.06
CA ASP A 94 5.16 6.84 -1.82
C ASP A 94 3.66 6.51 -1.83
N ALA A 95 3.14 6.15 -0.66
CA ALA A 95 1.75 5.79 -0.55
C ALA A 95 1.04 6.65 0.48
N HIS A 96 -0.02 7.36 0.11
CA HIS A 96 -0.78 8.19 1.09
C HIS A 96 -2.17 7.61 1.38
N PHE A 97 -2.58 7.67 2.64
CA PHE A 97 -3.86 7.18 3.06
C PHE A 97 -4.68 8.36 3.54
N ASP A 98 -5.99 8.30 3.33
CA ASP A 98 -6.86 9.41 3.74
C ASP A 98 -7.01 9.34 5.25
N ALA A 99 -6.60 10.39 5.94
CA ALA A 99 -6.70 10.39 7.39
C ALA A 99 -8.15 10.43 7.87
N GLU A 100 -9.07 10.78 6.99
CA GLU A 100 -10.48 10.88 7.40
C GLU A 100 -11.32 9.59 7.35
N GLU A 101 -10.71 8.51 6.91
CA GLU A 101 -11.39 7.24 6.83
C GLU A 101 -11.29 6.59 8.17
N THR A 102 -12.15 5.60 8.34
CA THR A 102 -12.19 4.78 9.52
C THR A 102 -11.31 3.58 9.17
N TRP A 103 -10.14 3.53 9.77
CA TRP A 103 -9.24 2.44 9.50
C TRP A 103 -9.45 1.41 10.59
N THR A 104 -9.57 0.16 10.17
CA THR A 104 -9.79 -0.92 11.10
C THR A 104 -8.82 -2.03 10.77
N ASN A 105 -8.86 -3.09 11.56
CA ASN A 105 -8.08 -4.26 11.27
C ASN A 105 -9.07 -5.38 11.47
N THR A 106 -10.32 -5.11 11.10
CA THR A 106 -11.40 -6.09 11.23
C THR A 106 -12.08 -6.14 9.87
N SER A 107 -13.32 -6.63 9.82
CA SER A 107 -14.07 -6.68 8.57
C SER A 107 -14.81 -5.35 8.36
N ALA A 108 -14.83 -4.52 9.39
CA ALA A 108 -15.50 -3.22 9.30
C ALA A 108 -14.75 -2.35 8.33
N ASN A 109 -15.47 -1.52 7.57
CA ASN A 109 -14.81 -0.61 6.60
C ASN A 109 -13.99 0.47 7.32
N TYR A 110 -12.71 0.68 6.98
CA TYR A 110 -11.93 -0.04 5.95
C TYR A 110 -10.84 -0.79 6.73
N ASN A 111 -10.26 -1.81 6.12
CA ASN A 111 -9.25 -2.60 6.77
C ASN A 111 -7.96 -2.08 6.16
N LEU A 112 -7.07 -1.57 7.01
CA LEU A 112 -5.79 -0.97 6.59
C LEU A 112 -4.84 -1.90 5.83
N PHE A 113 -4.68 -3.14 6.31
CA PHE A 113 -3.80 -4.11 5.65
C PHE A 113 -4.17 -4.29 4.19
N LEU A 114 -5.47 -4.42 3.93
CA LEU A 114 -5.91 -4.62 2.53
C LEU A 114 -5.72 -3.39 1.66
N VAL A 115 -5.93 -2.19 2.19
CA VAL A 115 -5.72 -0.98 1.39
C VAL A 115 -4.22 -0.74 1.20
N ALA A 116 -3.44 -1.05 2.24
CA ALA A 116 -1.96 -0.91 2.18
C ALA A 116 -1.45 -1.90 1.14
N ALA A 117 -1.97 -3.13 1.16
CA ALA A 117 -1.51 -4.15 0.22
C ALA A 117 -1.79 -3.72 -1.21
N HIS A 118 -2.93 -3.07 -1.44
CA HIS A 118 -3.31 -2.55 -2.78
C HIS A 118 -2.36 -1.40 -3.21
N GLU A 119 -2.16 -0.46 -2.30
CA GLU A 119 -1.32 0.69 -2.57
C GLU A 119 0.10 0.31 -2.92
N PHE A 120 0.68 -0.58 -2.12
CA PHE A 120 2.07 -1.11 -2.33
C PHE A 120 2.23 -1.78 -3.70
N GLY A 121 1.13 -2.29 -4.26
CA GLY A 121 1.20 -2.84 -5.60
C GLY A 121 1.50 -1.72 -6.59
N HIS A 122 0.85 -0.56 -6.41
CA HIS A 122 1.10 0.59 -7.26
C HIS A 122 2.55 1.09 -7.13
N SER A 123 3.06 1.12 -5.89
CA SER A 123 4.44 1.52 -5.52
C SER A 123 5.46 0.63 -6.23
N LEU A 124 5.09 -0.63 -6.47
CA LEU A 124 5.94 -1.56 -7.18
C LEU A 124 5.75 -1.53 -8.72
N GLY A 125 4.87 -0.65 -9.24
CA GLY A 125 4.67 -0.61 -10.70
C GLY A 125 3.40 -1.24 -11.31
N LEU A 126 2.52 -1.82 -10.50
CA LEU A 126 1.25 -2.42 -10.98
C LEU A 126 0.13 -1.37 -11.11
N ALA A 127 -0.71 -1.53 -12.13
CA ALA A 127 -1.87 -0.68 -12.32
C ALA A 127 -3.09 -1.50 -11.87
N HIS A 128 -4.27 -0.91 -12.04
CA HIS A 128 -5.48 -1.61 -11.68
C HIS A 128 -5.77 -2.76 -12.61
N SER A 129 -6.53 -3.71 -12.13
CA SER A 129 -6.91 -4.89 -12.88
C SER A 129 -8.44 -4.92 -13.01
N SER A 130 -8.91 -5.55 -14.08
CA SER A 130 -10.35 -5.63 -14.32
C SER A 130 -10.89 -6.92 -13.73
N ASP A 131 -10.00 -7.69 -13.15
CA ASP A 131 -10.39 -8.94 -12.54
C ASP A 131 -10.87 -8.56 -11.17
N PRO A 132 -12.20 -8.69 -10.91
CA PRO A 132 -12.85 -8.36 -9.63
C PRO A 132 -12.33 -9.19 -8.48
N GLY A 133 -11.67 -10.30 -8.82
CA GLY A 133 -11.10 -11.17 -7.79
C GLY A 133 -9.70 -10.71 -7.40
N ALA A 134 -9.06 -9.88 -8.23
CA ALA A 134 -7.72 -9.39 -7.98
C ALA A 134 -7.74 -8.32 -6.89
N LEU A 135 -6.61 -8.19 -6.17
CA LEU A 135 -6.45 -7.14 -5.13
C LEU A 135 -6.29 -5.79 -5.84
N MET A 136 -5.72 -5.79 -7.07
CA MET A 136 -5.49 -4.57 -7.84
C MET A 136 -6.73 -3.95 -8.56
N TYR A 137 -7.90 -4.54 -8.28
CA TYR A 137 -9.18 -4.12 -8.79
C TYR A 137 -9.41 -2.71 -8.18
N PRO A 138 -9.97 -1.76 -8.96
CA PRO A 138 -10.20 -0.38 -8.50
C PRO A 138 -11.02 -0.14 -7.27
N ASN A 139 -11.94 -1.04 -6.95
CA ASN A 139 -12.80 -0.85 -5.82
C ASN A 139 -12.50 -1.88 -4.74
N TYR A 140 -12.61 -1.44 -3.49
CA TYR A 140 -12.35 -2.21 -2.28
C TYR A 140 -13.46 -3.20 -1.97
N ALA A 141 -13.07 -4.37 -1.47
CA ALA A 141 -13.98 -5.45 -1.09
C ALA A 141 -13.24 -6.16 0.03
N PHE A 142 -13.92 -6.48 1.12
CA PHE A 142 -13.26 -7.20 2.19
C PHE A 142 -13.04 -8.65 1.80
N ARG A 143 -11.90 -9.18 2.21
CA ARG A 143 -11.52 -10.56 1.97
C ARG A 143 -10.90 -10.92 3.30
N GLU A 144 -11.11 -12.13 3.77
CA GLU A 144 -10.51 -12.53 5.06
C GLU A 144 -9.02 -12.22 4.97
N THR A 145 -8.43 -11.72 6.06
CA THR A 145 -7.01 -11.32 6.05
C THR A 145 -6.12 -12.19 6.92
N SER A 146 -6.74 -13.05 7.74
CA SER A 146 -6.01 -13.90 8.70
C SER A 146 -4.82 -14.71 8.18
N ASN A 147 -4.94 -15.22 6.97
CA ASN A 147 -3.88 -16.00 6.37
C ASN A 147 -4.02 -15.61 4.92
N TYR A 148 -4.30 -14.34 4.70
CA TYR A 148 -4.48 -13.80 3.37
C TYR A 148 -3.29 -14.07 2.48
N SER A 149 -3.56 -14.36 1.21
CA SER A 149 -2.51 -14.55 0.25
C SER A 149 -2.90 -13.91 -1.06
N LEU A 150 -1.91 -13.57 -1.85
CA LEU A 150 -2.10 -12.90 -3.13
C LEU A 150 -2.91 -13.62 -4.20
N PRO A 151 -3.92 -12.94 -4.82
CA PRO A 151 -4.70 -13.60 -5.86
C PRO A 151 -3.75 -13.85 -7.05
N GLN A 152 -4.01 -14.92 -7.78
CA GLN A 152 -3.22 -15.34 -8.93
C GLN A 152 -3.00 -14.28 -9.96
N ASP A 153 -3.95 -13.37 -10.07
CA ASP A 153 -3.85 -12.29 -11.03
C ASP A 153 -2.80 -11.31 -10.56
N ASP A 154 -2.75 -11.03 -9.25
CA ASP A 154 -1.75 -10.12 -8.73
C ASP A 154 -0.35 -10.70 -8.81
N ILE A 155 -0.26 -12.00 -8.55
CA ILE A 155 0.97 -12.73 -8.66
C ILE A 155 1.43 -12.65 -10.12
N ASP A 156 0.51 -12.85 -11.05
CA ASP A 156 0.91 -12.74 -12.46
C ASP A 156 1.44 -11.36 -12.76
N GLY A 157 0.88 -10.35 -12.11
CA GLY A 157 1.32 -8.98 -12.29
C GLY A 157 2.71 -8.61 -11.81
N ILE A 158 3.10 -8.94 -10.57
CA ILE A 158 4.49 -8.64 -10.12
C ILE A 158 5.52 -9.51 -10.85
N GLN A 159 5.15 -10.75 -11.15
CA GLN A 159 6.02 -11.67 -11.85
C GLN A 159 6.35 -11.13 -13.22
N ALA A 160 5.41 -10.44 -13.86
CA ALA A 160 5.67 -9.89 -15.17
C ALA A 160 6.58 -8.71 -15.13
N ILE A 161 6.66 -8.01 -14.00
CA ILE A 161 7.56 -6.84 -13.93
C ILE A 161 8.95 -7.22 -13.43
N TYR A 162 9.00 -8.04 -12.38
CA TYR A 162 10.26 -8.47 -11.78
C TYR A 162 10.56 -9.90 -12.18
N GLY A 163 10.42 -10.80 -11.22
CA GLY A 163 10.71 -12.19 -11.50
C GLY A 163 10.74 -12.95 -10.20
C1 0D3 B . -9.61 3.40 -3.78
O1 0D3 B . -9.62 4.24 -2.87
C2 0D3 B . -8.31 2.76 -4.25
C3 0D3 B . -7.66 2.05 -3.05
C1' 0D3 B . -8.11 0.60 -2.85
C2' 0D3 B . -8.66 -0.14 -3.89
C3' 0D3 B . -8.99 -1.47 -3.73
C4' 0D3 B . -8.77 -2.07 -2.53
C5' 0D3 B . -8.24 -1.35 -1.47
C6' 0D3 B . -7.91 -0.03 -1.64
C' 0D3 B . -7.43 3.87 -4.90
S' 0D3 B . -5.80 3.29 -5.52
N 0D3 B . -10.72 3.02 -4.41
CA 0D3 B . -12.02 3.57 -4.05
C 0D3 B . -12.77 2.66 -3.10
O 0D3 B . -12.74 1.45 -3.23
CB 0D3 B . -12.82 3.83 -5.26
N1 0D3 B . -13.52 3.30 -2.20
CA1 0D3 B . -14.25 2.57 -1.18
C4 0D3 B . -15.60 2.01 -1.55
O2 0D3 B . -16.56 2.32 -0.83
N2 0D3 B . -15.55 0.86 -2.22
H 0D3 B . -10.60 2.35 -5.13
H1 0D3 B . -13.58 4.28 -2.25
HN1 0D3 B . -14.66 0.44 -2.46
HN2 0D3 B . -16.46 0.48 -2.43
CA CA C . 9.79 7.72 -2.63
CA CA D . -11.73 9.54 1.19
ZN ZN E . -0.98 12.24 -1.70
ZN ZN F . -5.51 1.49 -6.81
#